data_5EP4
#
_entry.id   5EP4
#
_cell.length_a   73.690
_cell.length_b   73.690
_cell.length_c   81.792
_cell.angle_alpha   90.000
_cell.angle_beta   90.000
_cell.angle_gamma   120.000
#
_symmetry.space_group_name_H-M   'P 61'
#
loop_
_entity.id
_entity.type
_entity.pdbx_description
1 polymer 'Putative repressor protein luxO'
2 non-polymer "ADENOSINE-5'-TRIPHOSPHATE"
3 non-polymer '4-(2-HYDROXYETHYL)-1-PIPERAZINE ETHANESULFONIC ACID'
4 non-polymer 1,2-ETHANEDIOL
5 water water
#
_entity_poly.entity_id   1
_entity_poly.type   'polypeptide(L)'
_entity_poly.pdbx_seq_one_letter_code
;MGFIGNSLPMQAVYRVIESAASSKATVFITGESGTGKEVCAEAIHAASPRHDKPFIALNCAAIPKDLIESELFGHVKGAF
TGASTERQGAVEMAHNGTLMLDELCEMDLDLQSKLLRFIQTGTYQKVGSSKMSSVDVRFVCATNRNPWEEVQEGRFREDL
YYRLHVIPISLPPLRERGGDIIEIAHALLGLMSLEEGKSFSRFSEPVLRLFESYSWPGNVRELQNVIRNIVVLNTDDEVK
LEMVPPPILEHHHHHH
;
_entity_poly.pdbx_strand_id   A
#
# COMPACT_ATOMS: atom_id res chain seq x y z
N GLY A 2 -4.27 1.75 -11.27
CA GLY A 2 -5.44 1.13 -10.67
C GLY A 2 -6.31 2.04 -9.80
N PHE A 3 -5.99 3.32 -9.74
CA PHE A 3 -6.86 4.26 -9.05
C PHE A 3 -8.17 4.37 -9.77
N ILE A 4 -9.26 4.25 -9.03
CA ILE A 4 -10.58 4.59 -9.54
C ILE A 4 -11.06 5.74 -8.68
N GLY A 5 -11.68 6.74 -9.33
CA GLY A 5 -12.33 7.77 -8.57
C GLY A 5 -12.07 9.21 -9.01
N ASN A 6 -13.12 9.99 -9.23
CA ASN A 6 -12.91 11.37 -9.63
C ASN A 6 -13.19 12.36 -8.51
N SER A 7 -13.26 11.91 -7.26
CA SER A 7 -13.64 12.80 -6.20
C SER A 7 -12.63 13.92 -6.01
N LEU A 8 -13.08 15.04 -5.47
CA LEU A 8 -12.22 16.19 -5.18
C LEU A 8 -10.93 15.83 -4.41
N PRO A 9 -10.96 15.10 -3.30
CA PRO A 9 -9.70 14.81 -2.62
C PRO A 9 -8.83 13.83 -3.40
N MET A 10 -9.41 12.93 -4.22
CA MET A 10 -8.54 12.06 -5.01
C MET A 10 -7.94 12.81 -6.17
N GLN A 11 -8.63 13.80 -6.73
CA GLN A 11 -7.99 14.59 -7.79
C GLN A 11 -6.83 15.39 -7.25
N ALA A 12 -6.87 15.77 -5.98
CA ALA A 12 -5.71 16.42 -5.39
C ALA A 12 -4.55 15.44 -5.24
N VAL A 13 -4.85 14.20 -4.84
CA VAL A 13 -3.83 13.15 -4.83
C VAL A 13 -3.23 13.00 -6.22
N TYR A 14 -4.08 12.93 -7.27
CA TYR A 14 -3.57 12.71 -8.61
C TYR A 14 -2.68 13.85 -9.05
N ARG A 15 -2.98 15.09 -8.61
CA ARG A 15 -2.08 16.20 -8.97
C ARG A 15 -0.72 16.06 -8.33
N VAL A 16 -0.67 15.56 -7.10
CA VAL A 16 0.62 15.30 -6.46
C VAL A 16 1.37 14.28 -7.27
N ILE A 17 0.68 13.21 -7.67
CA ILE A 17 1.36 12.12 -8.36
C ILE A 17 1.91 12.63 -9.68
N GLU A 18 1.10 13.39 -10.41
CA GLU A 18 1.49 13.88 -11.73
C GLU A 18 2.71 14.78 -11.64
N SER A 19 2.80 15.59 -10.60
CA SER A 19 3.92 16.53 -10.50
C SER A 19 5.13 15.92 -9.83
N ALA A 20 4.97 14.97 -8.93
CA ALA A 20 6.11 14.42 -8.20
C ALA A 20 6.70 13.21 -8.91
N ALA A 21 5.94 12.53 -9.77
CA ALA A 21 6.41 11.25 -10.32
C ALA A 21 7.66 11.40 -11.14
N SER A 22 7.85 12.52 -11.85
CA SER A 22 9.08 12.68 -12.63
C SER A 22 10.30 12.94 -11.74
N SER A 23 10.14 13.53 -10.55
CA SER A 23 11.22 13.69 -9.54
C SER A 23 11.73 12.30 -9.09
N LYS A 24 12.95 12.27 -8.50
CA LYS A 24 13.31 11.10 -7.68
C LYS A 24 12.99 11.34 -6.21
N ALA A 25 12.22 12.39 -5.88
CA ALA A 25 11.92 12.70 -4.49
C ALA A 25 11.13 11.55 -3.88
N THR A 26 11.45 11.24 -2.63
CA THR A 26 10.71 10.20 -1.90
C THR A 26 9.29 10.66 -1.59
N VAL A 27 8.31 9.82 -1.92
CA VAL A 27 6.92 10.10 -1.58
C VAL A 27 6.56 9.30 -0.33
N PHE A 28 5.87 9.91 0.62
CA PHE A 28 5.58 9.28 1.89
C PHE A 28 4.08 9.25 2.06
N ILE A 29 3.50 8.05 1.99
CA ILE A 29 2.04 7.91 1.95
C ILE A 29 1.50 7.49 3.30
N THR A 30 0.51 8.23 3.80
CA THR A 30 -0.20 7.84 4.99
C THR A 30 -1.70 7.72 4.67
N GLY A 31 -2.41 7.05 5.57
CA GLY A 31 -3.86 6.95 5.45
C GLY A 31 -4.32 5.72 6.19
N GLU A 32 -5.62 5.65 6.39
CA GLU A 32 -6.13 4.54 7.17
C GLU A 32 -5.92 3.20 6.46
N SER A 33 -6.05 2.11 7.23
CA SER A 33 -5.99 0.78 6.66
CA SER A 33 -5.93 0.81 6.61
C SER A 33 -6.93 0.67 5.46
N GLY A 34 -6.44 0.06 4.40
CA GLY A 34 -7.20 -0.22 3.21
C GLY A 34 -7.49 0.96 2.32
N THR A 35 -6.71 2.05 2.39
CA THR A 35 -7.02 3.24 1.57
C THR A 35 -6.34 3.26 0.22
N GLY A 36 -5.51 2.27 -0.10
CA GLY A 36 -4.88 2.17 -1.39
C GLY A 36 -3.46 2.70 -1.48
N LYS A 37 -2.67 2.55 -0.41
CA LYS A 37 -1.31 3.10 -0.43
C LYS A 37 -0.40 2.39 -1.45
N GLU A 38 -0.58 1.07 -1.68
CA GLU A 38 0.27 0.40 -2.67
C GLU A 38 -0.18 0.72 -4.10
N VAL A 39 -1.52 0.85 -4.31
CA VAL A 39 -2.00 1.35 -5.59
C VAL A 39 -1.45 2.73 -5.87
N CYS A 40 -1.41 3.60 -4.83
CA CYS A 40 -0.90 4.93 -5.04
C CYS A 40 0.58 4.86 -5.43
N ALA A 41 1.34 4.08 -4.70
CA ALA A 41 2.77 3.91 -5.01
C ALA A 41 2.99 3.45 -6.44
N GLU A 42 2.23 2.43 -6.87
CA GLU A 42 2.40 1.96 -8.25
C GLU A 42 2.03 3.04 -9.26
N ALA A 43 1.01 3.87 -8.94
CA ALA A 43 0.66 4.95 -9.86
C ALA A 43 1.79 5.96 -9.99
N ILE A 44 2.52 6.24 -8.89
CA ILE A 44 3.69 7.09 -8.99
C ILE A 44 4.72 6.47 -9.92
N HIS A 45 5.00 5.19 -9.72
CA HIS A 45 5.93 4.49 -10.61
C HIS A 45 5.49 4.59 -12.07
N ALA A 46 4.20 4.35 -12.34
CA ALA A 46 3.72 4.31 -13.71
C ALA A 46 3.81 5.67 -14.39
N ALA A 47 3.66 6.74 -13.60
CA ALA A 47 3.76 8.10 -14.13
C ALA A 47 5.19 8.58 -14.26
N SER A 48 6.17 7.84 -13.75
CA SER A 48 7.54 8.29 -13.69
C SER A 48 8.31 7.80 -14.92
N PRO A 49 9.47 8.38 -15.17
CA PRO A 49 10.30 7.91 -16.28
C PRO A 49 10.74 6.49 -16.12
N ARG A 50 10.67 5.91 -14.92
CA ARG A 50 11.10 4.54 -14.70
C ARG A 50 9.96 3.56 -14.77
N HIS A 51 8.84 3.96 -15.38
CA HIS A 51 7.66 3.11 -15.47
C HIS A 51 7.92 1.73 -16.11
N ASP A 52 8.90 1.61 -17.00
CA ASP A 52 9.13 0.31 -17.63
CA ASP A 52 9.23 0.36 -17.68
C ASP A 52 10.17 -0.53 -16.89
N LYS A 53 10.66 -0.09 -15.75
CA LYS A 53 11.58 -0.77 -14.87
C LYS A 53 10.77 -1.33 -13.69
N PRO A 54 11.41 -2.09 -12.79
CA PRO A 54 10.62 -2.83 -11.80
C PRO A 54 10.03 -1.93 -10.74
N PHE A 55 8.86 -2.33 -10.28
CA PHE A 55 8.19 -1.71 -9.14
C PHE A 55 8.12 -2.81 -8.10
N ILE A 56 8.89 -2.67 -7.02
CA ILE A 56 9.01 -3.72 -6.03
C ILE A 56 8.38 -3.22 -4.74
N ALA A 57 7.46 -3.98 -4.18
CA ALA A 57 6.86 -3.61 -2.90
C ALA A 57 7.37 -4.51 -1.79
N LEU A 58 8.05 -3.93 -0.81
CA LEU A 58 8.50 -4.66 0.38
C LEU A 58 7.37 -4.51 1.38
N ASN A 59 6.54 -5.56 1.51
CA ASN A 59 5.35 -5.49 2.37
C ASN A 59 5.71 -5.95 3.77
N CYS A 60 6.16 -5.02 4.59
CA CYS A 60 6.76 -5.32 5.88
C CYS A 60 5.78 -6.01 6.82
N ALA A 61 4.45 -5.74 6.67
CA ALA A 61 3.50 -6.41 7.55
C ALA A 61 3.22 -7.84 7.07
N ALA A 62 3.81 -8.28 5.97
CA ALA A 62 3.65 -9.66 5.51
C ALA A 62 4.94 -10.46 5.62
N ILE A 63 5.99 -9.89 6.19
CA ILE A 63 7.29 -10.54 6.31
C ILE A 63 7.54 -10.70 7.80
N PRO A 64 7.97 -11.86 8.28
CA PRO A 64 8.30 -11.93 9.72
C PRO A 64 9.28 -10.83 10.08
N LYS A 65 9.02 -10.14 11.19
CA LYS A 65 9.80 -8.95 11.57
C LYS A 65 11.29 -9.19 11.53
N ASP A 66 11.73 -10.30 12.10
CA ASP A 66 13.18 -10.45 12.20
C ASP A 66 13.82 -10.87 10.87
N LEU A 67 13.03 -11.02 9.81
CA LEU A 67 13.49 -11.41 8.49
C LEU A 67 13.30 -10.31 7.45
N ILE A 68 12.77 -9.17 7.84
CA ILE A 68 12.64 -8.06 6.90
C ILE A 68 14.01 -7.66 6.33
N GLU A 69 15.07 -7.64 7.18
CA GLU A 69 16.41 -7.28 6.70
C GLU A 69 16.88 -8.24 5.62
N SER A 70 16.75 -9.54 5.90
CA SER A 70 17.05 -10.54 4.88
C SER A 70 16.24 -10.35 3.60
N GLU A 71 14.94 -10.10 3.73
CA GLU A 71 14.16 -9.93 2.53
C GLU A 71 14.58 -8.68 1.75
N LEU A 72 14.91 -7.59 2.45
CA LEU A 72 15.23 -6.32 1.78
C LEU A 72 16.64 -6.36 1.18
N PHE A 73 17.63 -6.82 1.95
CA PHE A 73 19.05 -6.72 1.56
C PHE A 73 19.62 -8.02 1.04
N GLY A 74 18.90 -9.13 1.22
CA GLY A 74 19.42 -10.46 0.92
C GLY A 74 20.31 -10.95 2.04
N HIS A 75 20.90 -12.15 1.83
CA HIS A 75 21.74 -12.77 2.85
C HIS A 75 22.65 -13.80 2.19
N VAL A 76 23.81 -13.98 2.78
CA VAL A 76 24.72 -15.05 2.33
C VAL A 76 24.34 -16.36 3.01
N LYS A 77 24.70 -17.49 2.39
CA LYS A 77 24.38 -18.79 2.98
C LYS A 77 24.97 -18.89 4.37
N GLY A 78 24.22 -19.45 5.30
CA GLY A 78 24.67 -19.57 6.67
C GLY A 78 24.72 -18.28 7.46
N ALA A 79 24.13 -17.19 6.98
CA ALA A 79 24.18 -15.95 7.76
C ALA A 79 23.49 -16.12 9.10
N PHE A 80 22.47 -16.96 9.17
CA PHE A 80 21.72 -17.19 10.39
C PHE A 80 21.03 -18.53 10.21
N THR A 81 20.43 -19.01 11.30
CA THR A 81 20.06 -20.42 11.40
C THR A 81 19.30 -20.94 10.16
N GLY A 82 18.23 -20.25 9.76
CA GLY A 82 17.54 -20.71 8.56
C GLY A 82 18.10 -20.28 7.21
N ALA A 83 19.28 -19.68 7.14
CA ALA A 83 19.81 -19.18 5.85
C ALA A 83 20.40 -20.34 5.04
N SER A 84 19.49 -21.16 4.49
CA SER A 84 19.87 -22.39 3.80
C SER A 84 20.58 -22.08 2.49
N THR A 85 20.18 -21.01 1.82
CA THR A 85 20.71 -20.61 0.52
C THR A 85 21.15 -19.17 0.61
N GLU A 86 21.92 -18.71 -0.38
CA GLU A 86 22.10 -17.28 -0.55
C GLU A 86 20.83 -16.68 -1.14
N ARG A 87 20.41 -15.51 -0.64
CA ARG A 87 19.18 -14.85 -1.06
C ARG A 87 19.45 -13.47 -1.69
N GLN A 88 18.82 -13.21 -2.83
CA GLN A 88 18.86 -11.88 -3.44
C GLN A 88 17.85 -10.97 -2.77
N GLY A 89 18.30 -9.78 -2.33
CA GLY A 89 17.35 -8.86 -1.68
C GLY A 89 16.45 -8.11 -2.64
N ALA A 90 15.32 -7.61 -2.09
CA ALA A 90 14.42 -6.75 -2.81
C ALA A 90 15.14 -5.54 -3.41
N VAL A 91 16.17 -5.02 -2.73
CA VAL A 91 16.88 -3.86 -3.27
C VAL A 91 17.46 -4.16 -4.65
N GLU A 92 17.97 -5.38 -4.86
CA GLU A 92 18.52 -5.72 -6.18
C GLU A 92 17.42 -5.90 -7.21
N MET A 93 16.25 -6.43 -6.79
CA MET A 93 15.12 -6.55 -7.70
C MET A 93 14.65 -5.19 -8.17
N ALA A 94 14.83 -4.15 -7.34
CA ALA A 94 14.29 -2.82 -7.64
C ALA A 94 15.26 -1.93 -8.39
N HIS A 95 16.47 -2.38 -8.68
CA HIS A 95 17.47 -1.50 -9.28
C HIS A 95 17.00 -0.90 -10.60
N ASN A 96 17.20 0.39 -10.73
CA ASN A 96 16.75 1.26 -11.81
C ASN A 96 15.24 1.51 -11.77
N GLY A 97 14.55 0.99 -10.77
CA GLY A 97 13.11 1.17 -10.67
C GLY A 97 12.68 1.82 -9.37
N THR A 98 11.53 1.42 -8.85
CA THR A 98 10.93 2.05 -7.68
C THR A 98 10.77 1.00 -6.60
N LEU A 99 11.18 1.36 -5.38
CA LEU A 99 11.07 0.47 -4.23
C LEU A 99 10.07 1.06 -3.25
N MET A 100 8.96 0.34 -3.01
CA MET A 100 7.99 0.74 -1.99
C MET A 100 8.31 0.10 -0.65
N LEU A 101 8.57 0.92 0.37
CA LEU A 101 8.78 0.42 1.73
C LEU A 101 7.41 0.49 2.38
N ASP A 102 6.62 -0.57 2.23
CA ASP A 102 5.23 -0.58 2.73
C ASP A 102 5.16 -1.00 4.18
N GLU A 103 4.38 -0.27 4.96
CA GLU A 103 4.26 -0.47 6.39
C GLU A 103 5.63 -0.51 7.07
N LEU A 104 6.46 0.48 6.71
CA LEU A 104 7.85 0.45 7.19
C LEU A 104 7.98 0.73 8.68
N CYS A 105 6.91 1.18 9.36
CA CYS A 105 7.00 1.33 10.81
C CYS A 105 6.99 -0.02 11.49
N GLU A 106 6.79 -1.11 10.72
CA GLU A 106 7.01 -2.43 11.30
C GLU A 106 8.47 -2.76 11.53
N MET A 107 9.40 -2.08 10.84
CA MET A 107 10.81 -2.42 10.97
C MET A 107 11.32 -2.14 12.39
N ASP A 108 12.13 -3.06 12.91
CA ASP A 108 12.67 -2.85 14.25
C ASP A 108 13.77 -1.78 14.18
N LEU A 109 14.13 -1.22 15.36
CA LEU A 109 15.07 -0.11 15.38
C LEU A 109 16.45 -0.47 14.81
N ASP A 110 16.92 -1.71 15.00
CA ASP A 110 18.19 -2.08 14.40
C ASP A 110 18.15 -2.05 12.87
N LEU A 111 17.05 -2.54 12.27
CA LEU A 111 16.91 -2.46 10.82
C LEU A 111 16.78 -1.00 10.37
N GLN A 112 16.04 -0.19 11.12
CA GLN A 112 15.93 1.21 10.77
C GLN A 112 17.29 1.88 10.72
N SER A 113 18.21 1.52 11.65
CA SER A 113 19.56 2.10 11.59
C SER A 113 20.26 1.78 10.27
N LYS A 114 20.12 0.54 9.77
CA LYS A 114 20.72 0.19 8.48
C LYS A 114 19.97 0.88 7.34
N LEU A 115 18.62 0.94 7.42
CA LEU A 115 17.87 1.58 6.34
C LEU A 115 18.32 3.02 6.17
N LEU A 116 18.64 3.69 7.26
CA LEU A 116 19.10 5.09 7.19
C LEU A 116 20.31 5.25 6.26
N ARG A 117 21.25 4.29 6.28
CA ARG A 117 22.36 4.36 5.34
C ARG A 117 21.86 4.15 3.94
N PHE A 118 21.06 3.09 3.76
CA PHE A 118 20.64 2.70 2.44
C PHE A 118 19.86 3.80 1.76
N ILE A 119 18.95 4.47 2.47
CA ILE A 119 18.18 5.46 1.72
C ILE A 119 18.99 6.68 1.33
N GLN A 120 20.14 6.93 1.98
CA GLN A 120 20.97 8.09 1.61
C GLN A 120 21.82 7.85 0.38
N THR A 121 22.35 6.63 0.21
CA THR A 121 23.35 6.33 -0.82
C THR A 121 22.99 5.19 -1.71
N GLY A 122 21.96 4.42 -1.42
CA GLY A 122 21.75 3.15 -2.11
C GLY A 122 22.72 2.04 -1.73
N THR A 123 23.58 2.27 -0.74
CA THR A 123 24.57 1.26 -0.31
C THR A 123 23.97 0.31 0.70
N TYR A 124 24.31 -0.98 0.54
CA TYR A 124 23.83 -1.98 1.50
C TYR A 124 24.81 -3.15 1.57
N GLN A 125 24.61 -4.01 2.57
CA GLN A 125 25.32 -5.27 2.71
C GLN A 125 24.29 -6.39 2.79
N LYS A 126 24.53 -7.52 2.14
CA LYS A 126 23.75 -8.72 2.49
C LYS A 126 23.96 -9.09 3.94
N VAL A 127 22.89 -9.61 4.58
CA VAL A 127 23.02 -10.14 5.92
C VAL A 127 24.12 -11.21 5.92
N GLY A 128 25.03 -11.08 6.88
CA GLY A 128 26.13 -12.03 7.05
C GLY A 128 27.41 -11.66 6.35
N SER A 129 27.46 -10.53 5.68
CA SER A 129 28.58 -10.17 4.82
C SER A 129 28.99 -8.73 5.03
N SER A 130 30.29 -8.47 5.00
CA SER A 130 30.77 -7.09 5.07
CA SER A 130 30.76 -7.08 5.08
C SER A 130 30.84 -6.42 3.70
N LYS A 131 30.71 -7.20 2.62
CA LYS A 131 30.85 -6.61 1.29
C LYS A 131 29.72 -5.61 1.00
N MET A 132 30.10 -4.44 0.47
CA MET A 132 29.13 -3.40 0.09
C MET A 132 28.75 -3.50 -1.37
N SER A 133 27.48 -3.20 -1.68
CA SER A 133 27.10 -2.92 -3.04
CA SER A 133 26.99 -3.01 -3.03
C SER A 133 26.12 -1.76 -3.02
N SER A 134 25.71 -1.32 -4.20
CA SER A 134 24.68 -0.26 -4.22
C SER A 134 23.74 -0.42 -5.38
N VAL A 135 22.55 0.18 -5.25
CA VAL A 135 21.53 0.17 -6.29
C VAL A 135 20.97 1.58 -6.44
N ASP A 136 20.28 1.76 -7.54
CA ASP A 136 19.62 3.02 -7.95
C ASP A 136 18.11 2.78 -7.78
N VAL A 137 17.48 3.32 -6.73
CA VAL A 137 16.05 3.12 -6.54
C VAL A 137 15.43 4.44 -6.15
N ARG A 138 14.22 4.69 -6.65
CA ARG A 138 13.35 5.77 -6.17
C ARG A 138 12.44 5.22 -5.09
N PHE A 139 12.32 5.90 -3.96
CA PHE A 139 11.56 5.37 -2.86
C PHE A 139 10.14 5.91 -2.83
N VAL A 140 9.23 5.04 -2.43
CA VAL A 140 7.91 5.43 -1.94
C VAL A 140 7.72 4.73 -0.60
N CYS A 141 7.32 5.43 0.44
CA CYS A 141 7.07 4.83 1.75
C CYS A 141 5.59 4.88 2.06
N ALA A 142 5.14 3.96 2.89
CA ALA A 142 3.73 4.01 3.32
C ALA A 142 3.59 3.44 4.72
N THR A 143 2.64 4.04 5.48
CA THR A 143 2.29 3.44 6.76
C THR A 143 0.84 3.80 7.11
N ASN A 144 0.21 2.85 7.80
CA ASN A 144 -1.09 2.99 8.47
CA ASN A 144 -1.11 3.14 8.38
C ASN A 144 -1.01 3.71 9.80
N ARG A 145 0.19 3.79 10.38
CA ARG A 145 0.43 4.42 11.67
C ARG A 145 0.44 5.92 11.52
N ASN A 146 0.44 6.59 12.68
CA ASN A 146 0.68 8.03 12.72
C ASN A 146 2.19 8.18 12.88
N PRO A 147 2.92 8.53 11.83
CA PRO A 147 4.40 8.51 11.95
C PRO A 147 4.92 9.44 13.02
N TRP A 148 4.30 10.58 13.20
CA TRP A 148 4.80 11.48 14.23
CA TRP A 148 4.83 11.47 14.23
C TRP A 148 4.63 10.87 15.62
N GLU A 149 3.54 10.12 15.83
CA GLU A 149 3.37 9.37 17.06
C GLU A 149 4.40 8.25 17.20
N GLU A 150 4.71 7.55 16.11
CA GLU A 150 5.75 6.52 16.19
C GLU A 150 7.10 7.11 16.57
N VAL A 151 7.42 8.30 16.06
CA VAL A 151 8.67 8.93 16.45
C VAL A 151 8.61 9.40 17.90
N GLN A 152 7.49 9.97 18.31
CA GLN A 152 7.38 10.49 19.68
C GLN A 152 7.54 9.39 20.72
N GLU A 153 6.93 8.24 20.49
CA GLU A 153 7.04 7.08 21.36
C GLU A 153 8.34 6.30 21.18
N GLY A 154 9.28 6.75 20.34
CA GLY A 154 10.56 6.08 20.27
C GLY A 154 10.59 4.79 19.49
N ARG A 155 9.59 4.52 18.66
CA ARG A 155 9.50 3.29 17.88
C ARG A 155 10.08 3.47 16.47
N PHE A 156 10.19 4.70 16.01
CA PHE A 156 10.70 5.02 14.67
C PHE A 156 11.70 6.14 14.78
N ARG A 157 12.83 5.99 14.12
CA ARG A 157 13.90 6.98 14.17
C ARG A 157 13.51 8.31 13.56
N GLU A 158 13.80 9.37 14.30
CA GLU A 158 13.50 10.72 13.83
C GLU A 158 14.34 11.12 12.61
N ASP A 159 15.65 10.78 12.60
CA ASP A 159 16.48 11.17 11.47
C ASP A 159 15.98 10.51 10.20
N LEU A 160 15.62 9.24 10.30
CA LEU A 160 15.13 8.48 9.16
C LEU A 160 13.81 9.08 8.65
N TYR A 161 12.88 9.37 9.56
CA TYR A 161 11.59 9.93 9.15
C TYR A 161 11.78 11.22 8.35
N TYR A 162 12.61 12.16 8.85
CA TYR A 162 12.70 13.43 8.12
C TYR A 162 13.46 13.33 6.81
N ARG A 163 14.26 12.29 6.58
CA ARG A 163 14.82 12.13 5.26
C ARG A 163 13.87 11.45 4.30
N LEU A 164 12.88 10.71 4.83
CA LEU A 164 11.92 10.04 3.95
C LEU A 164 10.70 10.88 3.66
N HIS A 165 10.35 11.76 4.59
CA HIS A 165 9.07 12.44 4.52
C HIS A 165 9.22 13.71 3.70
N VAL A 166 9.38 13.54 2.38
CA VAL A 166 9.66 14.67 1.50
C VAL A 166 8.40 15.13 0.77
N ILE A 167 7.81 14.27 -0.04
CA ILE A 167 6.54 14.58 -0.70
CA ILE A 167 6.54 14.62 -0.65
C ILE A 167 5.46 13.76 -0.02
N PRO A 168 4.63 14.31 0.88
CA PRO A 168 3.64 13.49 1.56
C PRO A 168 2.37 13.40 0.72
N ILE A 169 1.77 12.23 0.79
CA ILE A 169 0.37 12.05 0.32
C ILE A 169 -0.42 11.47 1.48
N SER A 170 -1.49 12.14 1.89
CA SER A 170 -2.43 11.66 2.88
C SER A 170 -3.67 11.19 2.14
N LEU A 171 -3.87 9.85 2.03
CA LEU A 171 -4.99 9.40 1.23
C LEU A 171 -6.30 9.64 1.99
N PRO A 172 -7.32 10.12 1.31
CA PRO A 172 -8.59 10.34 1.98
C PRO A 172 -9.22 9.02 2.34
N PRO A 173 -9.92 8.95 3.47
CA PRO A 173 -10.65 7.72 3.77
C PRO A 173 -11.81 7.57 2.81
N LEU A 174 -12.23 6.33 2.59
CA LEU A 174 -13.26 6.09 1.58
C LEU A 174 -14.54 6.88 1.89
N ARG A 175 -14.86 7.03 3.15
CA ARG A 175 -16.10 7.74 3.54
C ARG A 175 -16.08 9.22 3.14
N GLU A 176 -14.93 9.78 2.75
CA GLU A 176 -14.87 11.16 2.31
C GLU A 176 -14.76 11.30 0.80
N ARG A 177 -14.94 10.21 0.02
CA ARG A 177 -14.63 10.20 -1.41
C ARG A 177 -15.84 10.30 -2.34
N GLY A 178 -16.99 10.73 -1.83
CA GLY A 178 -18.02 11.12 -2.80
C GLY A 178 -18.48 9.96 -3.68
N GLY A 179 -18.56 10.24 -4.98
CA GLY A 179 -19.00 9.28 -5.96
C GLY A 179 -18.04 8.12 -6.14
N ASP A 180 -16.87 8.23 -5.53
CA ASP A 180 -15.89 7.15 -5.71
C ASP A 180 -16.37 5.84 -5.11
N ILE A 181 -17.13 5.89 -4.00
CA ILE A 181 -17.53 4.64 -3.36
C ILE A 181 -18.26 3.76 -4.35
N ILE A 182 -19.29 4.30 -4.99
CA ILE A 182 -20.07 3.52 -5.94
C ILE A 182 -19.28 3.25 -7.22
N GLU A 183 -18.39 4.17 -7.65
CA GLU A 183 -17.54 3.87 -8.80
CA GLU A 183 -17.54 3.87 -8.80
C GLU A 183 -16.64 2.66 -8.54
N ILE A 184 -15.95 2.65 -7.40
CA ILE A 184 -15.13 1.49 -7.02
C ILE A 184 -16.00 0.26 -6.86
N ALA A 185 -17.16 0.42 -6.18
CA ALA A 185 -18.03 -0.74 -6.01
C ALA A 185 -18.36 -1.38 -7.34
N HIS A 186 -18.74 -0.57 -8.34
CA HIS A 186 -19.10 -1.15 -9.64
C HIS A 186 -17.93 -1.85 -10.30
N ALA A 187 -16.75 -1.27 -10.20
CA ALA A 187 -15.56 -1.91 -10.80
C ALA A 187 -15.31 -3.25 -10.11
N LEU A 188 -15.46 -3.28 -8.76
CA LEU A 188 -15.28 -4.53 -8.02
C LEU A 188 -16.34 -5.54 -8.35
N LEU A 189 -17.59 -5.10 -8.52
CA LEU A 189 -18.62 -6.03 -8.97
C LEU A 189 -18.26 -6.73 -10.27
N GLY A 190 -17.72 -6.00 -11.26
CA GLY A 190 -17.29 -6.65 -12.47
C GLY A 190 -16.08 -7.57 -12.27
N LEU A 191 -15.11 -7.14 -11.46
CA LEU A 191 -13.92 -7.97 -11.25
C LEU A 191 -14.27 -9.23 -10.46
N MET A 192 -15.07 -9.10 -9.41
CA MET A 192 -15.45 -10.29 -8.66
CA MET A 192 -15.44 -10.30 -8.66
C MET A 192 -16.36 -11.21 -9.46
N SER A 193 -17.23 -10.64 -10.33
CA SER A 193 -18.02 -11.47 -11.23
C SER A 193 -17.10 -12.32 -12.11
N LEU A 194 -16.05 -11.73 -12.65
CA LEU A 194 -15.13 -12.53 -13.47
C LEU A 194 -14.46 -13.63 -12.63
N GLU A 195 -14.00 -13.26 -11.43
CA GLU A 195 -13.33 -14.21 -10.56
C GLU A 195 -14.24 -15.39 -10.19
N GLU A 196 -15.55 -15.14 -9.94
CA GLU A 196 -16.51 -16.18 -9.54
C GLU A 196 -17.32 -16.78 -10.68
N GLY A 197 -17.21 -16.26 -11.91
CA GLY A 197 -18.03 -16.76 -12.98
C GLY A 197 -19.48 -16.35 -12.85
N LYS A 198 -19.73 -15.12 -12.44
CA LYS A 198 -21.08 -14.55 -12.27
C LYS A 198 -21.23 -13.31 -13.16
N SER A 199 -22.37 -12.62 -13.04
CA SER A 199 -22.66 -11.46 -13.88
C SER A 199 -23.40 -10.39 -13.10
N PHE A 200 -22.78 -9.88 -12.04
CA PHE A 200 -23.42 -8.79 -11.29
C PHE A 200 -23.02 -7.46 -11.92
N SER A 201 -23.96 -6.52 -12.02
CA SER A 201 -23.58 -5.19 -12.54
C SER A 201 -24.30 -4.02 -11.91
N ARG A 202 -25.34 -4.23 -11.09
CA ARG A 202 -26.05 -3.10 -10.53
C ARG A 202 -26.25 -3.28 -9.03
N PHE A 203 -26.57 -2.16 -8.38
CA PHE A 203 -26.94 -2.12 -6.98
C PHE A 203 -28.34 -1.59 -6.88
N SER A 204 -29.15 -2.18 -6.00
CA SER A 204 -30.47 -1.60 -5.79
C SER A 204 -30.37 -0.24 -5.12
N GLU A 205 -31.46 0.52 -5.12
CA GLU A 205 -31.38 1.86 -4.53
C GLU A 205 -31.10 1.81 -3.04
N PRO A 206 -31.66 0.89 -2.24
CA PRO A 206 -31.29 0.87 -0.83
C PRO A 206 -29.81 0.54 -0.64
N VAL A 207 -29.27 -0.33 -1.48
CA VAL A 207 -27.85 -0.66 -1.33
C VAL A 207 -27.00 0.54 -1.70
N LEU A 208 -27.35 1.25 -2.77
CA LEU A 208 -26.64 2.47 -3.11
C LEU A 208 -26.64 3.42 -1.95
N ARG A 209 -27.80 3.61 -1.32
CA ARG A 209 -27.86 4.55 -0.19
C ARG A 209 -26.98 4.07 0.95
N LEU A 210 -27.11 2.80 1.32
CA LEU A 210 -26.33 2.26 2.41
C LEU A 210 -24.84 2.41 2.15
N PHE A 211 -24.41 2.08 0.94
CA PHE A 211 -22.96 2.08 0.67
C PHE A 211 -22.44 3.50 0.69
N GLU A 212 -23.27 4.46 0.24
CA GLU A 212 -22.82 5.84 0.21
C GLU A 212 -22.69 6.44 1.60
N SER A 213 -23.59 6.07 2.54
CA SER A 213 -23.61 6.61 3.90
C SER A 213 -22.78 5.85 4.92
N TYR A 214 -22.41 4.60 4.65
CA TYR A 214 -21.68 3.81 5.63
C TYR A 214 -20.27 4.38 5.79
N SER A 215 -19.72 4.24 6.98
CA SER A 215 -18.47 4.91 7.28
C SER A 215 -17.25 4.11 6.79
N TRP A 216 -17.40 2.88 6.31
CA TRP A 216 -16.30 2.13 5.72
C TRP A 216 -15.05 2.19 6.60
N PRO A 217 -15.12 1.77 7.85
CA PRO A 217 -13.92 1.90 8.69
C PRO A 217 -12.73 1.10 8.13
N GLY A 218 -12.97 0.06 7.33
CA GLY A 218 -11.90 -0.66 6.66
C GLY A 218 -11.62 -0.18 5.24
N ASN A 219 -12.23 0.92 4.80
CA ASN A 219 -11.92 1.58 3.52
C ASN A 219 -12.05 0.59 2.34
N VAL A 220 -11.17 0.67 1.34
CA VAL A 220 -11.40 -0.07 0.12
C VAL A 220 -11.27 -1.56 0.37
N ARG A 221 -10.40 -2.00 1.30
CA ARG A 221 -10.38 -3.45 1.53
C ARG A 221 -11.72 -3.94 2.07
N GLU A 222 -12.34 -3.18 2.99
CA GLU A 222 -13.65 -3.58 3.53
C GLU A 222 -14.67 -3.62 2.40
N LEU A 223 -14.63 -2.62 1.51
CA LEU A 223 -15.54 -2.65 0.36
C LEU A 223 -15.28 -3.87 -0.53
N GLN A 224 -14.01 -4.21 -0.80
CA GLN A 224 -13.69 -5.42 -1.56
C GLN A 224 -14.25 -6.65 -0.86
N ASN A 225 -14.08 -6.74 0.46
CA ASN A 225 -14.59 -7.93 1.17
C ASN A 225 -16.12 -8.01 1.06
N VAL A 226 -16.82 -6.87 1.19
CA VAL A 226 -18.28 -6.88 1.10
C VAL A 226 -18.71 -7.31 -0.28
N ILE A 227 -18.05 -6.80 -1.34
CA ILE A 227 -18.48 -7.19 -2.68
C ILE A 227 -18.18 -8.66 -2.93
N ARG A 228 -17.00 -9.12 -2.47
CA ARG A 228 -16.64 -10.54 -2.65
C ARG A 228 -17.66 -11.42 -1.94
N ASN A 229 -17.99 -11.07 -0.68
CA ASN A 229 -19.01 -11.79 0.06
C ASN A 229 -20.30 -11.92 -0.74
N ILE A 230 -20.78 -10.80 -1.29
CA ILE A 230 -22.04 -10.81 -2.02
C ILE A 230 -21.97 -11.68 -3.27
N VAL A 231 -20.88 -11.55 -4.03
CA VAL A 231 -20.81 -12.26 -5.30
C VAL A 231 -20.55 -13.74 -5.09
N VAL A 232 -19.81 -14.11 -4.02
CA VAL A 232 -19.62 -15.55 -3.73
C VAL A 232 -20.93 -16.21 -3.32
N LEU A 233 -21.73 -15.51 -2.52
CA LEU A 233 -22.90 -16.11 -1.90
C LEU A 233 -24.17 -16.03 -2.72
N ASN A 234 -24.22 -15.19 -3.76
CA ASN A 234 -25.46 -14.94 -4.46
C ASN A 234 -25.26 -15.04 -5.96
N THR A 235 -26.39 -15.17 -6.70
CA THR A 235 -26.34 -15.16 -8.17
C THR A 235 -27.49 -14.31 -8.67
N ASP A 236 -27.14 -13.13 -9.21
CA ASP A 236 -28.17 -12.17 -9.60
C ASP A 236 -27.46 -11.16 -10.49
N ASP A 237 -28.22 -10.33 -11.20
CA ASP A 237 -27.55 -9.20 -11.86
C ASP A 237 -27.45 -8.01 -10.94
N GLU A 238 -28.20 -7.99 -9.84
CA GLU A 238 -28.29 -6.82 -8.96
C GLU A 238 -28.01 -7.26 -7.53
N VAL A 239 -27.29 -6.41 -6.82
CA VAL A 239 -27.10 -6.59 -5.38
C VAL A 239 -28.34 -6.04 -4.69
N LYS A 240 -28.90 -6.80 -3.79
CA LYS A 240 -30.12 -6.45 -3.06
C LYS A 240 -29.77 -6.28 -1.59
N LEU A 241 -30.64 -5.56 -0.88
CA LEU A 241 -30.31 -5.20 0.51
C LEU A 241 -30.16 -6.43 1.40
N GLU A 242 -30.95 -7.48 1.14
CA GLU A 242 -30.84 -8.72 1.92
C GLU A 242 -29.47 -9.39 1.77
N MET A 243 -28.73 -9.05 0.73
CA MET A 243 -27.43 -9.66 0.46
C MET A 243 -26.28 -9.00 1.19
N VAL A 244 -26.53 -7.84 1.75
CA VAL A 244 -25.43 -7.11 2.38
C VAL A 244 -25.06 -7.80 3.68
N PRO A 245 -23.78 -8.11 3.92
CA PRO A 245 -23.43 -8.95 5.08
C PRO A 245 -23.40 -8.12 6.34
N PRO A 246 -23.44 -8.79 7.54
CA PRO A 246 -23.16 -8.10 8.81
C PRO A 246 -21.75 -7.60 8.78
N PRO A 247 -21.47 -6.55 9.50
CA PRO A 247 -22.44 -5.84 10.35
C PRO A 247 -22.81 -4.50 9.75
N ILE A 248 -22.81 -4.41 8.42
CA ILE A 248 -22.91 -3.09 7.79
C ILE A 248 -24.17 -2.38 8.24
N LEU A 249 -25.33 -3.03 8.12
CA LEU A 249 -26.59 -2.39 8.51
C LEU A 249 -26.64 -2.03 9.99
N GLU A 250 -26.26 -2.96 10.86
CA GLU A 250 -26.41 -2.72 12.29
C GLU A 250 -25.47 -1.61 12.76
N HIS A 251 -24.23 -1.59 12.28
CA HIS A 251 -23.32 -0.51 12.68
C HIS A 251 -23.77 0.84 12.14
N HIS A 252 -24.28 0.86 10.93
CA HIS A 252 -24.77 2.12 10.41
C HIS A 252 -25.96 2.63 11.22
N HIS A 253 -26.75 1.73 11.81
CA HIS A 253 -27.94 2.12 12.59
C HIS A 253 -27.59 2.83 13.89
N HIS A 254 -26.38 2.67 14.40
CA HIS A 254 -25.98 3.38 15.61
C HIS A 254 -25.31 4.72 15.24
#